data_5V5N
#
_entry.id   5V5N
#
_cell.length_a   58.340
_cell.length_b   134.227
_cell.length_c   143.385
_cell.angle_alpha   90.00
_cell.angle_beta   90.00
_cell.angle_gamma   90.00
#
_symmetry.space_group_name_H-M   'I 2 2 2'
#
loop_
_entity.id
_entity.type
_entity.pdbx_description
1 polymer 'Mitogen-activated protein kinase kinase kinase 7/TGF-beta-activated kinase 1 and MAP3K7-binding protein 1 chimera'
2 non-polymer N~1~-(1-propyl-1,3-dihydro-2H-benzimidazol-2-ylidene)benzene-1,3-dicarboxamide
3 water water
#
_entity_poly.entity_id   1
_entity_poly.type   'polypeptide(L)'
_entity_poly.pdbx_seq_one_letter_code
;SLHMIDYKEIEVEEVVGRGAFGVVCKAKWRAKDVAIKQIESESERKAFIVELRQLSRVNHPNIVKLYGACLNPVCLVMEY
AEGGSLYNVLHGAEPLPYYTAAHAMSWCLQCSQGVAYLHSMQPKALIHRDLKPPNLLLVAGGTVLKICDFGTACDIQTHM
TNNKGSAAWMAPEVFEGSNYSEKCDVFSWGIILWEVITRRKPFDEIGGPAFRIMWAVHNGTRPPLIKNLPKPIESLMTRC
WSKDPSQRPSMEEIVKIMTHLMRYFPGADEPLQYPCQHSLPPGEDGRVEPYVDFAEFYRLWSVDHGE
;
_entity_poly.pdbx_strand_id   A
#
loop_
_chem_comp.id
_chem_comp.type
_chem_comp.name
_chem_comp.formula
EDH non-polymer N~1~-(1-propyl-1,3-dihydro-2H-benzimidazol-2-ylidene)benzene-1,3-dicarboxamide 'C18 H18 N4 O2'
#
# COMPACT_ATOMS: atom_id res chain seq x y z
N SER A 1 -11.79 17.10 -13.60
CA SER A 1 -12.36 16.17 -14.56
C SER A 1 -13.25 15.14 -13.85
N LEU A 2 -14.33 15.63 -13.25
CA LEU A 2 -15.21 14.78 -12.45
C LEU A 2 -16.46 14.38 -13.22
N HIS A 3 -17.64 14.68 -12.66
CA HIS A 3 -18.92 14.18 -13.13
C HIS A 3 -19.90 14.27 -11.98
N MET A 4 -20.62 15.38 -11.87
CA MET A 4 -21.50 15.58 -10.72
C MET A 4 -22.49 14.42 -10.59
N ILE A 5 -22.82 14.10 -9.34
CA ILE A 5 -23.65 12.96 -9.02
C ILE A 5 -24.74 13.42 -8.07
N ASP A 6 -25.94 12.84 -8.22
CA ASP A 6 -27.08 13.14 -7.37
C ASP A 6 -27.29 11.98 -6.40
N TYR A 7 -27.35 12.29 -5.11
CA TYR A 7 -27.45 11.25 -4.09
C TYR A 7 -28.61 10.30 -4.36
N LYS A 8 -29.74 10.85 -4.81
CA LYS A 8 -30.91 10.01 -5.05
C LYS A 8 -30.62 8.90 -6.05
N GLU A 9 -29.62 9.08 -6.92
CA GLU A 9 -29.25 8.06 -7.90
C GLU A 9 -28.40 6.94 -7.31
N ILE A 10 -27.90 7.11 -6.08
CA ILE A 10 -26.95 6.16 -5.50
C ILE A 10 -27.69 4.94 -4.95
N GLU A 11 -28.42 5.15 -3.86
CA GLU A 11 -29.05 4.06 -3.11
C GLU A 11 -27.99 3.18 -2.46
N VAL A 12 -27.71 3.44 -1.18
CA VAL A 12 -26.70 2.69 -0.45
C VAL A 12 -27.15 1.24 -0.27
N GLU A 13 -26.18 0.35 -0.12
CA GLU A 13 -26.44 -1.06 0.20
C GLU A 13 -26.08 -1.41 1.64
N GLU A 14 -24.85 -1.13 2.06
CA GLU A 14 -24.43 -1.49 3.41
C GLU A 14 -23.03 -0.93 3.63
N VAL A 15 -22.73 -0.66 4.90
CA VAL A 15 -21.42 -0.14 5.27
C VAL A 15 -20.39 -1.24 5.17
N VAL A 16 -19.24 -0.93 4.58
CA VAL A 16 -18.15 -1.88 4.45
C VAL A 16 -16.96 -1.55 5.35
N GLY A 17 -16.84 -0.32 5.82
CA GLY A 17 -15.76 0.04 6.71
C GLY A 17 -15.47 1.52 6.64
N ARG A 18 -14.52 1.93 7.46
CA ARG A 18 -14.02 3.30 7.48
C ARG A 18 -12.69 3.39 6.76
N GLY A 19 -12.51 4.46 5.99
CA GLY A 19 -11.22 4.75 5.39
C GLY A 19 -10.31 5.45 6.38
N ALA A 20 -9.23 6.01 5.85
CA ALA A 20 -8.37 6.88 6.68
C ALA A 20 -9.18 8.01 7.29
N PHE A 21 -10.19 8.49 6.57
CA PHE A 21 -11.18 9.42 7.11
C PHE A 21 -12.54 9.04 6.54
N GLY A 22 -13.58 9.45 7.26
CA GLY A 22 -14.94 9.20 6.81
C GLY A 22 -15.32 7.74 6.86
N VAL A 23 -16.44 7.44 6.20
CA VAL A 23 -17.01 6.10 6.17
C VAL A 23 -17.22 5.69 4.72
N VAL A 24 -17.06 4.40 4.45
CA VAL A 24 -17.25 3.83 3.13
C VAL A 24 -18.37 2.79 3.21
N CYS A 25 -19.18 2.71 2.16
CA CYS A 25 -20.27 1.75 2.11
C CYS A 25 -20.53 1.38 0.65
N LYS A 26 -20.86 0.12 0.43
CA LYS A 26 -21.15 -0.36 -0.91
C LYS A 26 -22.45 0.25 -1.42
N ALA A 27 -22.54 0.38 -2.74
CA ALA A 27 -23.73 0.95 -3.37
C ALA A 27 -23.71 0.61 -4.85
N LYS A 28 -24.86 0.80 -5.48
CA LYS A 28 -25.02 0.59 -6.92
C LYS A 28 -25.16 1.94 -7.61
N TRP A 29 -24.77 1.98 -8.88
CA TRP A 29 -24.91 3.19 -9.67
C TRP A 29 -24.73 2.91 -11.15
N ARG A 30 -25.82 2.93 -11.91
CA ARG A 30 -25.80 2.71 -13.35
C ARG A 30 -25.27 1.32 -13.68
N ALA A 31 -25.83 0.31 -13.00
CA ALA A 31 -25.56 -1.10 -13.28
C ALA A 31 -24.08 -1.43 -13.08
N LYS A 32 -23.58 -1.10 -11.88
CA LYS A 32 -22.23 -1.46 -11.48
C LYS A 32 -21.97 -1.10 -10.03
N ASP A 33 -21.24 -1.94 -9.31
CA ASP A 33 -20.96 -1.68 -7.90
C ASP A 33 -20.18 -0.38 -7.73
N VAL A 34 -20.30 0.20 -6.54
CA VAL A 34 -19.70 1.51 -6.25
C VAL A 34 -19.40 1.58 -4.76
N ALA A 35 -18.36 2.33 -4.43
CA ALA A 35 -18.04 2.69 -3.05
C ALA A 35 -18.15 4.19 -2.90
N ILE A 36 -18.89 4.63 -1.89
CA ILE A 36 -19.10 6.05 -1.63
C ILE A 36 -18.54 6.39 -0.26
N LYS A 37 -17.85 7.52 -0.16
CA LYS A 37 -17.25 7.97 1.08
C LYS A 37 -17.92 9.26 1.53
N GLN A 38 -18.39 9.27 2.78
CA GLN A 38 -19.01 10.44 3.38
C GLN A 38 -18.23 10.84 4.62
N ILE A 39 -18.30 12.13 4.95
CA ILE A 39 -17.64 12.65 6.15
C ILE A 39 -18.64 12.59 7.30
N GLU A 40 -18.23 11.94 8.40
CA GLU A 40 -19.07 11.91 9.59
C GLU A 40 -19.11 13.27 10.27
N SER A 41 -17.97 13.72 10.77
CA SER A 41 -17.83 15.03 11.38
C SER A 41 -17.30 16.02 10.35
N GLU A 42 -17.73 17.28 10.47
CA GLU A 42 -17.28 18.31 9.54
C GLU A 42 -15.79 18.59 9.66
N SER A 43 -15.13 18.13 10.72
CA SER A 43 -13.68 18.25 10.81
C SER A 43 -13.00 17.58 9.63
N GLU A 44 -13.63 16.55 9.06
CA GLU A 44 -13.09 15.83 7.91
C GLU A 44 -13.32 16.57 6.59
N ARG A 45 -13.84 17.80 6.62
CA ARG A 45 -14.17 18.48 5.37
C ARG A 45 -12.90 18.83 4.59
N LYS A 46 -11.86 19.31 5.27
CA LYS A 46 -10.62 19.63 4.58
C LYS A 46 -10.08 18.42 3.83
N ALA A 47 -9.96 17.28 4.50
CA ALA A 47 -9.51 16.06 3.85
C ALA A 47 -10.39 15.73 2.65
N PHE A 48 -11.71 15.93 2.78
CA PHE A 48 -12.64 15.68 1.69
C PHE A 48 -12.29 16.51 0.47
N ILE A 49 -11.93 17.78 0.68
CA ILE A 49 -11.70 18.68 -0.45
C ILE A 49 -10.39 18.34 -1.14
N VAL A 50 -9.30 18.19 -0.37
CA VAL A 50 -8.00 17.90 -0.97
C VAL A 50 -8.07 16.61 -1.77
N GLU A 51 -8.65 15.55 -1.19
CA GLU A 51 -8.79 14.31 -1.94
C GLU A 51 -9.62 14.53 -3.19
N LEU A 52 -10.66 15.34 -3.10
CA LEU A 52 -11.51 15.62 -4.26
C LEU A 52 -10.69 16.23 -5.39
N ARG A 53 -9.92 17.29 -5.09
CA ARG A 53 -9.17 17.96 -6.13
C ARG A 53 -7.99 17.11 -6.63
N GLN A 54 -7.40 16.29 -5.75
CA GLN A 54 -6.28 15.46 -6.17
C GLN A 54 -6.75 14.29 -7.02
N LEU A 55 -7.75 13.56 -6.55
CA LEU A 55 -8.25 12.40 -7.28
C LEU A 55 -8.81 12.77 -8.65
N SER A 56 -9.27 14.02 -8.81
CA SER A 56 -9.77 14.45 -10.11
C SER A 56 -8.66 14.54 -11.15
N ARG A 57 -7.41 14.65 -10.71
CA ARG A 57 -6.28 14.77 -11.63
C ARG A 57 -5.64 13.43 -11.98
N VAL A 58 -5.85 12.40 -11.17
CA VAL A 58 -5.14 11.13 -11.35
C VAL A 58 -5.94 10.24 -12.29
N ASN A 59 -5.22 9.49 -13.11
CA ASN A 59 -5.82 8.49 -13.99
C ASN A 59 -4.76 7.41 -14.20
N HIS A 60 -4.77 6.39 -13.33
CA HIS A 60 -3.77 5.35 -13.36
C HIS A 60 -4.41 4.04 -12.93
N PRO A 61 -4.07 2.92 -13.57
CA PRO A 61 -4.72 1.64 -13.20
C PRO A 61 -4.49 1.22 -11.75
N ASN A 62 -3.43 1.73 -11.10
CA ASN A 62 -3.12 1.35 -9.73
C ASN A 62 -3.53 2.42 -8.72
N ILE A 63 -4.49 3.28 -9.09
CA ILE A 63 -5.09 4.25 -8.19
C ILE A 63 -6.59 4.16 -8.33
N VAL A 64 -7.30 4.19 -7.20
CA VAL A 64 -8.76 4.07 -7.24
C VAL A 64 -9.34 5.16 -8.13
N LYS A 65 -10.28 4.77 -8.99
CA LYS A 65 -10.90 5.72 -9.91
C LYS A 65 -12.03 6.46 -9.21
N LEU A 66 -12.05 7.78 -9.38
CA LEU A 66 -13.09 8.63 -8.81
C LEU A 66 -14.10 8.96 -9.91
N TYR A 67 -15.34 8.54 -9.71
CA TYR A 67 -16.39 8.82 -10.68
C TYR A 67 -16.92 10.24 -10.53
N GLY A 68 -17.49 10.55 -9.38
CA GLY A 68 -18.03 11.87 -9.14
C GLY A 68 -18.08 12.16 -7.65
N ALA A 69 -18.66 13.32 -7.33
CA ALA A 69 -18.79 13.74 -5.94
C ALA A 69 -20.09 14.52 -5.79
N CYS A 70 -20.95 14.07 -4.88
CA CYS A 70 -22.19 14.77 -4.58
C CYS A 70 -21.99 15.68 -3.39
N LEU A 71 -22.61 16.87 -3.44
CA LEU A 71 -22.53 17.84 -2.37
C LEU A 71 -23.84 17.97 -1.59
N ASN A 72 -24.86 17.16 -1.90
CA ASN A 72 -26.09 17.20 -1.12
C ASN A 72 -25.84 16.78 0.32
N PRO A 73 -25.42 15.53 0.60
CA PRO A 73 -24.76 15.25 1.88
C PRO A 73 -23.23 15.25 1.83
N VAL A 74 -22.62 15.66 0.72
CA VAL A 74 -21.17 15.75 0.60
C VAL A 74 -20.57 14.36 0.69
N CYS A 75 -20.24 13.77 -0.46
CA CYS A 75 -19.67 12.43 -0.49
C CYS A 75 -18.92 12.22 -1.80
N LEU A 76 -17.91 11.37 -1.76
CA LEU A 76 -17.15 10.96 -2.94
C LEU A 76 -17.71 9.63 -3.46
N VAL A 77 -17.74 9.48 -4.78
CA VAL A 77 -18.24 8.28 -5.44
C VAL A 77 -17.08 7.67 -6.22
N MET A 78 -16.60 6.53 -5.77
CA MET A 78 -15.45 5.87 -6.35
C MET A 78 -15.80 4.45 -6.77
N GLU A 79 -14.84 3.77 -7.38
CA GLU A 79 -15.00 2.37 -7.71
C GLU A 79 -14.91 1.51 -6.45
N TYR A 80 -15.65 0.41 -6.44
CA TYR A 80 -15.65 -0.50 -5.31
C TYR A 80 -14.54 -1.54 -5.49
N ALA A 81 -13.74 -1.73 -4.44
CA ALA A 81 -12.67 -2.71 -4.44
C ALA A 81 -13.18 -3.94 -3.69
N GLU A 82 -13.54 -4.98 -4.44
CA GLU A 82 -14.17 -6.16 -3.84
C GLU A 82 -13.23 -6.88 -2.89
N GLY A 83 -11.93 -6.87 -3.16
CA GLY A 83 -10.98 -7.63 -2.39
C GLY A 83 -10.62 -7.06 -1.03
N GLY A 84 -11.16 -5.92 -0.66
CA GLY A 84 -10.79 -5.31 0.61
C GLY A 84 -9.39 -4.74 0.58
N SER A 85 -8.85 -4.50 1.77
CA SER A 85 -7.54 -3.90 1.92
C SER A 85 -6.44 -4.97 1.98
N LEU A 86 -5.24 -4.58 1.56
CA LEU A 86 -4.09 -5.46 1.66
C LEU A 86 -3.82 -5.84 3.12
N TYR A 87 -3.97 -4.88 4.03
CA TYR A 87 -3.76 -5.17 5.44
C TYR A 87 -4.66 -6.30 5.92
N ASN A 88 -5.88 -6.36 5.40
CA ASN A 88 -6.81 -7.42 5.77
C ASN A 88 -6.35 -8.76 5.22
N VAL A 89 -5.87 -8.77 3.97
CA VAL A 89 -5.36 -10.01 3.37
C VAL A 89 -4.17 -10.52 4.16
N LEU A 90 -3.32 -9.61 4.63
CA LEU A 90 -2.08 -10.01 5.30
C LEU A 90 -2.34 -10.47 6.72
N HIS A 91 -3.09 -9.68 7.50
CA HIS A 91 -3.22 -9.90 8.94
C HIS A 91 -4.67 -9.96 9.39
N GLY A 92 -5.64 -10.06 8.48
CA GLY A 92 -7.03 -9.83 8.83
C GLY A 92 -7.88 -11.07 9.06
N ALA A 93 -8.78 -11.33 8.11
CA ALA A 93 -9.87 -12.28 8.32
C ALA A 93 -9.38 -13.59 8.93
N GLU A 94 -10.27 -14.24 9.68
CA GLU A 94 -9.91 -15.50 10.34
C GLU A 94 -9.45 -16.56 9.36
N PRO A 95 -10.12 -16.78 8.22
CA PRO A 95 -9.52 -17.64 7.18
C PRO A 95 -8.64 -16.82 6.26
N LEU A 96 -7.34 -16.78 6.56
CA LEU A 96 -6.43 -15.98 5.76
C LEU A 96 -6.10 -16.67 4.44
N PRO A 97 -5.89 -15.90 3.38
CA PRO A 97 -5.57 -16.51 2.08
C PRO A 97 -4.08 -16.82 1.96
N TYR A 98 -3.79 -17.93 1.29
CA TYR A 98 -2.43 -18.24 0.88
C TYR A 98 -2.01 -17.32 -0.25
N TYR A 99 -0.75 -16.88 -0.23
CA TYR A 99 -0.20 -16.13 -1.35
C TYR A 99 1.28 -16.45 -1.48
N THR A 100 1.82 -16.16 -2.66
CA THR A 100 3.16 -16.57 -3.04
C THR A 100 4.11 -15.39 -3.12
N ALA A 101 5.39 -15.70 -3.25
CA ALA A 101 6.39 -14.67 -3.51
C ALA A 101 6.00 -13.82 -4.70
N ALA A 102 5.40 -14.44 -5.73
CA ALA A 102 5.01 -13.68 -6.92
C ALA A 102 3.96 -12.62 -6.58
N HIS A 103 2.98 -12.99 -5.76
CA HIS A 103 1.97 -12.02 -5.33
C HIS A 103 2.60 -10.86 -4.57
N ALA A 104 3.46 -11.17 -3.61
CA ALA A 104 4.10 -10.13 -2.81
C ALA A 104 4.86 -9.14 -3.69
N MET A 105 5.73 -9.66 -4.55
CA MET A 105 6.48 -8.79 -5.44
C MET A 105 5.56 -8.03 -6.38
N SER A 106 4.56 -8.71 -6.93
CA SER A 106 3.61 -8.05 -7.83
C SER A 106 2.88 -6.92 -7.14
N TRP A 107 2.43 -7.14 -5.90
CA TRP A 107 1.75 -6.08 -5.17
C TRP A 107 2.65 -4.86 -4.99
N CYS A 108 3.91 -5.10 -4.61
CA CYS A 108 4.83 -3.99 -4.38
C CYS A 108 5.19 -3.28 -5.69
N LEU A 109 5.28 -4.02 -6.78
CA LEU A 109 5.52 -3.38 -8.08
C LEU A 109 4.37 -2.47 -8.46
N GLN A 110 3.14 -2.97 -8.36
CA GLN A 110 1.97 -2.16 -8.71
C GLN A 110 1.88 -0.93 -7.82
N CYS A 111 2.27 -1.05 -6.56
CA CYS A 111 2.26 0.11 -5.67
C CYS A 111 3.27 1.15 -6.14
N SER A 112 4.48 0.71 -6.47
CA SER A 112 5.49 1.65 -6.97
C SER A 112 5.07 2.25 -8.30
N GLN A 113 4.36 1.48 -9.14
CA GLN A 113 3.86 2.03 -10.40
C GLN A 113 2.90 3.17 -10.15
N GLY A 114 1.99 3.01 -9.19
CA GLY A 114 1.06 4.08 -8.88
C GLY A 114 1.72 5.29 -8.28
N VAL A 115 2.64 5.07 -7.34
CA VAL A 115 3.32 6.19 -6.69
C VAL A 115 4.21 6.92 -7.69
N ALA A 116 4.88 6.17 -8.58
CA ALA A 116 5.70 6.81 -9.61
C ALA A 116 4.86 7.74 -10.47
N TYR A 117 3.62 7.33 -10.79
CA TYR A 117 2.73 8.22 -11.51
C TYR A 117 2.46 9.49 -10.72
N LEU A 118 2.21 9.37 -9.42
CA LEU A 118 1.96 10.54 -8.59
C LEU A 118 3.19 11.44 -8.55
N HIS A 119 4.38 10.86 -8.37
CA HIS A 119 5.59 11.66 -8.29
C HIS A 119 5.95 12.31 -9.61
N SER A 120 5.44 11.80 -10.73
CA SER A 120 5.68 12.39 -12.03
C SER A 120 4.68 13.48 -12.39
N MET A 121 3.75 13.80 -11.49
CA MET A 121 2.70 14.75 -11.81
C MET A 121 3.29 16.14 -12.08
N GLN A 122 2.73 16.82 -13.07
CA GLN A 122 3.07 18.20 -13.38
C GLN A 122 1.87 19.10 -13.08
N PRO A 123 2.08 20.35 -12.64
CA PRO A 123 3.34 21.06 -12.37
C PRO A 123 4.14 20.52 -11.19
N LYS A 124 3.44 20.16 -10.10
CA LYS A 124 4.08 19.71 -8.87
C LYS A 124 3.83 18.23 -8.65
N ALA A 125 4.85 17.55 -8.12
CA ALA A 125 4.70 16.14 -7.79
C ALA A 125 3.68 15.97 -6.67
N LEU A 126 2.92 14.88 -6.73
CA LEU A 126 1.91 14.57 -5.73
C LEU A 126 2.46 13.51 -4.79
N ILE A 127 2.59 13.86 -3.51
CA ILE A 127 3.09 12.94 -2.49
C ILE A 127 1.90 12.33 -1.76
N HIS A 128 1.90 11.01 -1.61
CA HIS A 128 0.80 10.34 -0.93
C HIS A 128 0.84 10.63 0.57
N ARG A 129 2.00 10.43 1.19
CA ARG A 129 2.30 10.76 2.59
C ARG A 129 1.73 9.76 3.58
N ASP A 130 0.95 8.77 3.15
CA ASP A 130 0.34 7.83 4.09
C ASP A 130 0.25 6.45 3.43
N LEU A 131 1.34 6.00 2.82
CA LEU A 131 1.38 4.70 2.18
C LEU A 131 1.48 3.61 3.24
N LYS A 132 0.50 2.71 3.26
CA LYS A 132 0.49 1.58 4.16
C LYS A 132 -0.59 0.61 3.70
N PRO A 133 -0.48 -0.67 4.08
CA PRO A 133 -1.40 -1.69 3.55
C PRO A 133 -2.86 -1.35 3.79
N PRO A 134 -3.20 -0.71 4.91
CA PRO A 134 -4.61 -0.30 5.09
C PRO A 134 -5.12 0.62 3.99
N ASN A 135 -4.23 1.35 3.31
CA ASN A 135 -4.63 2.24 2.22
C ASN A 135 -4.31 1.67 0.85
N LEU A 136 -4.11 0.36 0.76
CA LEU A 136 -3.90 -0.34 -0.50
C LEU A 136 -5.02 -1.37 -0.66
N LEU A 137 -5.79 -1.25 -1.73
CA LEU A 137 -6.91 -2.12 -1.99
C LEU A 137 -6.56 -3.15 -3.05
N LEU A 138 -7.31 -4.26 -3.05
CA LEU A 138 -7.08 -5.36 -3.97
C LEU A 138 -8.37 -5.68 -4.72
N VAL A 139 -8.23 -5.95 -6.02
CA VAL A 139 -9.32 -6.36 -6.88
C VAL A 139 -8.82 -7.48 -7.79
N ALA A 140 -9.71 -7.96 -8.67
CA ALA A 140 -9.38 -9.04 -9.59
C ALA A 140 -8.87 -10.26 -8.84
N GLY A 141 -9.63 -10.68 -7.83
CA GLY A 141 -9.26 -11.83 -7.05
C GLY A 141 -7.98 -11.67 -6.27
N GLY A 142 -7.66 -10.45 -5.84
CA GLY A 142 -6.44 -10.19 -5.12
C GLY A 142 -5.20 -10.03 -5.98
N THR A 143 -5.37 -9.89 -7.30
CA THR A 143 -4.24 -9.80 -8.21
CA THR A 143 -4.23 -9.80 -8.20
C THR A 143 -3.83 -8.37 -8.51
N VAL A 144 -4.78 -7.44 -8.52
CA VAL A 144 -4.52 -6.04 -8.87
C VAL A 144 -4.62 -5.19 -7.61
N LEU A 145 -3.64 -4.31 -7.43
CA LEU A 145 -3.59 -3.43 -6.27
C LEU A 145 -3.89 -2.00 -6.70
N LYS A 146 -4.57 -1.26 -5.83
CA LYS A 146 -4.94 0.12 -6.13
C LYS A 146 -4.78 0.97 -4.88
N ILE A 147 -4.13 2.12 -5.03
CA ILE A 147 -3.88 3.03 -3.92
C ILE A 147 -5.13 3.87 -3.68
N CYS A 148 -5.43 4.15 -2.42
CA CYS A 148 -6.58 4.96 -2.05
C CYS A 148 -6.24 5.87 -0.88
N ASP A 149 -7.23 6.64 -0.44
CA ASP A 149 -7.08 7.58 0.67
C ASP A 149 -6.00 8.61 0.40
N PHE A 150 -6.35 9.63 -0.40
CA PHE A 150 -5.45 10.74 -0.71
C PHE A 150 -5.76 11.97 0.13
N GLY A 151 -6.33 11.78 1.31
CA GLY A 151 -6.74 12.92 2.13
C GLY A 151 -5.58 13.74 2.66
N THR A 152 -4.46 13.09 2.94
CA THR A 152 -3.30 13.79 3.51
C THR A 152 -2.77 14.84 2.54
N GLY A 165 -0.91 5.66 14.54
CA GLY A 165 -1.51 4.80 13.54
C GLY A 165 -0.54 4.42 12.45
N SER A 166 -0.03 5.43 11.75
CA SER A 166 0.82 5.22 10.59
C SER A 166 2.30 5.29 10.92
N ALA A 167 2.66 5.38 12.20
CA ALA A 167 4.05 5.61 12.57
C ALA A 167 4.97 4.52 12.04
N ALA A 168 4.50 3.28 11.95
CA ALA A 168 5.37 2.18 11.57
C ALA A 168 5.84 2.28 10.12
N TRP A 169 5.18 3.08 9.30
CA TRP A 169 5.52 3.23 7.89
C TRP A 169 6.04 4.62 7.54
N MET A 170 6.29 5.48 8.53
CA MET A 170 6.62 6.87 8.28
C MET A 170 8.12 7.09 8.29
N ALA A 171 8.62 7.83 7.31
CA ALA A 171 10.03 8.17 7.27
C ALA A 171 10.38 9.08 8.45
N PRO A 172 11.57 8.92 9.04
CA PRO A 172 11.88 9.74 10.23
C PRO A 172 11.77 11.24 10.01
N GLU A 173 12.19 11.74 8.85
CA GLU A 173 12.17 13.18 8.64
C GLU A 173 10.75 13.75 8.69
N VAL A 174 9.74 12.93 8.47
CA VAL A 174 8.36 13.42 8.49
C VAL A 174 7.93 13.76 9.91
N PHE A 175 7.94 12.78 10.81
CA PHE A 175 7.60 13.06 12.20
C PHE A 175 8.74 13.74 12.94
N GLU A 176 9.90 13.92 12.30
CA GLU A 176 10.95 14.77 12.84
C GLU A 176 10.61 16.25 12.69
N GLY A 177 9.51 16.59 12.01
CA GLY A 177 9.17 17.96 11.72
C GLY A 177 9.95 18.58 10.59
N SER A 178 11.03 17.95 10.14
CA SER A 178 11.86 18.51 9.09
C SER A 178 11.10 18.56 7.77
N ASN A 179 11.61 19.38 6.85
CA ASN A 179 11.10 19.37 5.49
C ASN A 179 11.36 18.00 4.86
N TYR A 180 10.44 17.58 4.01
CA TYR A 180 10.53 16.28 3.36
C TYR A 180 10.07 16.39 1.91
N SER A 181 10.41 15.37 1.14
CA SER A 181 10.12 15.36 -0.29
C SER A 181 9.36 14.07 -0.62
N GLU A 182 9.30 13.75 -1.91
CA GLU A 182 8.64 12.54 -2.36
CA GLU A 182 8.65 12.53 -2.37
C GLU A 182 9.33 11.28 -1.84
N LYS A 183 10.55 11.40 -1.31
CA LYS A 183 11.28 10.24 -0.80
C LYS A 183 10.67 9.67 0.46
N CYS A 184 9.75 10.37 1.12
CA CYS A 184 9.09 9.79 2.28
C CYS A 184 8.22 8.60 1.88
N ASP A 185 7.62 8.64 0.68
CA ASP A 185 6.87 7.49 0.17
C ASP A 185 7.79 6.31 -0.10
N VAL A 186 9.02 6.57 -0.52
CA VAL A 186 9.97 5.48 -0.79
C VAL A 186 10.28 4.71 0.49
N PHE A 187 10.44 5.44 1.60
CA PHE A 187 10.65 4.79 2.89
C PHE A 187 9.46 3.90 3.24
N SER A 188 8.25 4.42 3.05
CA SER A 188 7.05 3.64 3.36
C SER A 188 6.96 2.40 2.48
N TRP A 189 7.27 2.54 1.19
CA TRP A 189 7.24 1.39 0.30
C TRP A 189 8.19 0.29 0.77
N GLY A 190 9.39 0.68 1.22
CA GLY A 190 10.33 -0.30 1.72
C GLY A 190 9.78 -1.10 2.90
N ILE A 191 9.11 -0.42 3.83
CA ILE A 191 8.50 -1.12 4.96
C ILE A 191 7.42 -2.08 4.45
N ILE A 192 6.66 -1.66 3.45
CA ILE A 192 5.61 -2.52 2.90
C ILE A 192 6.24 -3.77 2.27
N LEU A 193 7.37 -3.61 1.57
CA LEU A 193 8.04 -4.75 0.96
C LEU A 193 8.42 -5.77 2.02
N TRP A 194 9.05 -5.32 3.11
CA TRP A 194 9.37 -6.20 4.22
C TRP A 194 8.09 -6.85 4.77
N GLU A 195 6.98 -6.11 4.78
CA GLU A 195 5.77 -6.58 5.42
C GLU A 195 5.12 -7.72 4.63
N VAL A 196 5.06 -7.58 3.31
CA VAL A 196 4.41 -8.62 2.50
C VAL A 196 5.29 -9.87 2.43
N ILE A 197 6.61 -9.71 2.47
CA ILE A 197 7.50 -10.86 2.39
C ILE A 197 7.43 -11.68 3.67
N THR A 198 7.32 -11.01 4.82
CA THR A 198 7.29 -11.68 6.11
C THR A 198 5.89 -11.95 6.63
N ARG A 199 4.88 -11.25 6.10
CA ARG A 199 3.52 -11.30 6.64
C ARG A 199 3.52 -11.01 8.14
N ARG A 200 4.34 -10.03 8.54
CA ARG A 200 4.41 -9.55 9.90
C ARG A 200 4.09 -8.06 9.93
N LYS A 201 3.46 -7.62 11.00
CA LYS A 201 3.21 -6.20 11.19
C LYS A 201 4.52 -5.51 11.59
N PRO A 202 4.95 -4.48 10.89
CA PRO A 202 6.23 -3.84 11.24
C PRO A 202 6.16 -3.22 12.63
N PHE A 203 7.19 -3.50 13.44
CA PHE A 203 7.31 -2.94 14.79
C PHE A 203 6.13 -3.36 15.67
N ASP A 204 5.58 -4.55 15.43
CA ASP A 204 4.55 -5.08 16.31
C ASP A 204 5.13 -5.41 17.68
N GLU A 205 6.38 -5.84 17.74
CA GLU A 205 7.02 -6.17 19.00
C GLU A 205 7.17 -4.94 19.89
N ILE A 206 7.43 -3.78 19.31
CA ILE A 206 7.56 -2.55 20.09
C ILE A 206 6.23 -2.20 20.73
N GLY A 207 5.23 -1.90 19.91
CA GLY A 207 3.91 -1.60 20.42
C GLY A 207 3.88 -0.32 21.22
N GLY A 208 2.97 -0.27 22.18
CA GLY A 208 2.77 0.91 22.99
C GLY A 208 2.30 2.08 22.15
N PRO A 209 2.31 3.28 22.72
CA PRO A 209 1.90 4.47 21.97
C PRO A 209 2.87 4.76 20.83
N ALA A 210 2.44 5.67 19.95
CA ALA A 210 3.15 5.91 18.70
C ALA A 210 4.58 6.42 18.94
N PHE A 211 4.76 7.28 19.93
CA PHE A 211 6.08 7.89 20.13
C PHE A 211 7.16 6.86 20.42
N ARG A 212 6.78 5.66 20.87
CA ARG A 212 7.78 4.62 21.13
C ARG A 212 8.36 4.08 19.83
N ILE A 213 7.54 4.01 18.78
CA ILE A 213 8.05 3.61 17.47
C ILE A 213 8.88 4.74 16.87
N MET A 214 8.37 5.97 16.94
CA MET A 214 9.10 7.12 16.41
C MET A 214 10.50 7.19 17.00
N TRP A 215 10.63 7.00 18.31
CA TRP A 215 11.95 7.02 18.93
C TRP A 215 12.83 5.94 18.35
N ALA A 216 12.33 4.71 18.24
CA ALA A 216 13.12 3.62 17.71
C ALA A 216 13.60 3.93 16.30
N VAL A 217 12.67 4.31 15.41
CA VAL A 217 13.05 4.60 14.02
C VAL A 217 13.99 5.79 13.96
N HIS A 218 13.75 6.81 14.80
CA HIS A 218 14.62 7.98 14.81
C HIS A 218 16.05 7.62 15.17
N ASN A 219 16.23 6.62 16.03
CA ASN A 219 17.55 6.14 16.43
C ASN A 219 18.13 5.12 15.47
N GLY A 220 17.46 4.87 14.34
CA GLY A 220 17.98 3.97 13.32
C GLY A 220 17.39 2.58 13.31
N THR A 221 16.46 2.27 14.20
CA THR A 221 15.88 0.95 14.24
C THR A 221 15.09 0.69 12.95
N ARG A 222 15.25 -0.51 12.41
CA ARG A 222 14.54 -0.94 11.22
C ARG A 222 14.04 -2.36 11.45
N PRO A 223 13.10 -2.83 10.64
CA PRO A 223 12.60 -4.18 10.81
C PRO A 223 13.74 -5.18 10.67
N PRO A 224 13.65 -6.33 11.33
CA PRO A 224 14.74 -7.30 11.28
C PRO A 224 14.96 -7.82 9.86
N LEU A 225 16.19 -8.29 9.62
CA LEU A 225 16.51 -8.83 8.31
C LEU A 225 15.82 -10.17 8.09
N ILE A 226 15.72 -10.57 6.83
CA ILE A 226 14.93 -11.71 6.42
C ILE A 226 15.88 -12.83 6.02
N LYS A 227 15.73 -13.99 6.65
CA LYS A 227 16.56 -15.14 6.32
C LYS A 227 16.41 -15.53 4.86
N ASN A 228 17.54 -15.76 4.19
CA ASN A 228 17.56 -16.29 2.84
C ASN A 228 16.95 -15.34 1.82
N LEU A 229 16.77 -14.06 2.18
CA LEU A 229 16.25 -13.10 1.23
C LEU A 229 17.28 -12.87 0.13
N PRO A 230 16.89 -12.91 -1.15
CA PRO A 230 17.87 -12.66 -2.22
C PRO A 230 18.54 -11.30 -2.05
N LYS A 231 19.85 -11.27 -2.25
CA LYS A 231 20.60 -10.04 -2.09
C LYS A 231 20.06 -8.91 -2.96
N PRO A 232 19.65 -9.12 -4.21
CA PRO A 232 19.07 -8.01 -4.98
C PRO A 232 17.87 -7.37 -4.30
N ILE A 233 17.02 -8.18 -3.66
CA ILE A 233 15.86 -7.63 -2.97
C ILE A 233 16.28 -6.99 -1.66
N GLU A 234 17.20 -7.61 -0.92
CA GLU A 234 17.68 -7.02 0.32
C GLU A 234 18.30 -5.66 0.09
N SER A 235 19.09 -5.53 -0.99
CA SER A 235 19.72 -4.25 -1.30
CA SER A 235 19.72 -4.25 -1.30
C SER A 235 18.66 -3.18 -1.51
N LEU A 236 17.68 -3.46 -2.37
CA LEU A 236 16.64 -2.47 -2.65
C LEU A 236 15.88 -2.09 -1.38
N MET A 237 15.50 -3.10 -0.60
CA MET A 237 14.75 -2.86 0.63
C MET A 237 15.50 -1.90 1.55
N THR A 238 16.77 -2.22 1.86
CA THR A 238 17.51 -1.44 2.83
C THR A 238 17.87 -0.05 2.29
N ARG A 239 18.04 0.09 0.97
CA ARG A 239 18.24 1.41 0.41
C ARG A 239 17.03 2.30 0.65
N CYS A 240 15.83 1.73 0.52
CA CYS A 240 14.62 2.51 0.78
C CYS A 240 14.52 2.93 2.23
N TRP A 241 15.16 2.18 3.15
CA TRP A 241 15.13 2.47 4.57
C TRP A 241 16.15 3.51 4.99
N SER A 242 16.94 4.06 4.07
CA SER A 242 18.04 4.92 4.43
C SER A 242 17.56 6.10 5.27
N LYS A 243 18.33 6.41 6.32
CA LYS A 243 18.05 7.62 7.09
C LYS A 243 18.08 8.84 6.20
N ASP A 244 19.11 8.96 5.38
CA ASP A 244 19.28 10.08 4.47
C ASP A 244 18.32 9.92 3.29
N PRO A 245 17.32 10.79 3.11
CA PRO A 245 16.39 10.60 1.99
C PRO A 245 17.06 10.62 0.62
N SER A 246 18.17 11.34 0.48
CA SER A 246 18.83 11.42 -0.82
C SER A 246 19.50 10.11 -1.22
N GLN A 247 19.78 9.23 -0.25
CA GLN A 247 20.33 7.92 -0.55
C GLN A 247 19.25 6.90 -0.91
N ARG A 248 17.97 7.26 -0.80
CA ARG A 248 16.91 6.37 -1.23
C ARG A 248 16.70 6.46 -2.73
N PRO A 249 16.29 5.38 -3.39
CA PRO A 249 16.01 5.46 -4.81
C PRO A 249 14.72 6.20 -5.09
N SER A 250 14.62 6.74 -6.31
CA SER A 250 13.36 7.28 -6.77
C SER A 250 12.38 6.15 -7.08
N MET A 251 11.10 6.49 -7.15
CA MET A 251 10.10 5.49 -7.49
C MET A 251 10.30 4.96 -8.90
N GLU A 252 10.73 5.83 -9.82
CA GLU A 252 11.01 5.38 -11.18
C GLU A 252 12.05 4.25 -11.17
N GLU A 253 13.08 4.39 -10.34
CA GLU A 253 14.08 3.33 -10.25
C GLU A 253 13.50 2.07 -9.65
N ILE A 254 12.67 2.20 -8.60
CA ILE A 254 12.06 1.02 -7.99
C ILE A 254 11.21 0.27 -9.01
N VAL A 255 10.41 1.00 -9.79
CA VAL A 255 9.59 0.36 -10.81
C VAL A 255 10.46 -0.43 -11.78
N LYS A 256 11.53 0.19 -12.27
CA LYS A 256 12.42 -0.49 -13.22
C LYS A 256 13.01 -1.75 -12.59
N ILE A 257 13.53 -1.64 -11.36
CA ILE A 257 14.13 -2.79 -10.69
C ILE A 257 13.09 -3.87 -10.46
N MET A 258 11.92 -3.49 -9.91
CA MET A 258 10.89 -4.47 -9.63
C MET A 258 10.38 -5.13 -10.91
N THR A 259 10.21 -4.33 -11.97
CA THR A 259 9.78 -4.90 -13.25
C THR A 259 10.76 -5.98 -13.72
N HIS A 260 12.05 -5.69 -13.68
CA HIS A 260 13.04 -6.67 -14.10
C HIS A 260 13.01 -7.91 -13.21
N LEU A 261 12.76 -7.73 -11.91
CA LEU A 261 12.76 -8.86 -11.00
C LEU A 261 11.56 -9.78 -11.25
N MET A 262 10.45 -9.24 -11.75
CA MET A 262 9.25 -10.06 -11.94
C MET A 262 9.47 -11.18 -12.95
N ARG A 263 10.47 -11.04 -13.82
CA ARG A 263 10.84 -12.13 -14.72
C ARG A 263 11.08 -13.42 -13.95
N TYR A 264 11.51 -13.32 -12.70
CA TYR A 264 11.80 -14.48 -11.86
C TYR A 264 10.69 -14.74 -10.84
N PHE A 265 9.52 -14.15 -11.03
CA PHE A 265 8.37 -14.36 -10.15
C PHE A 265 7.12 -14.56 -10.99
N PRO A 266 7.06 -15.63 -11.76
CA PRO A 266 5.84 -15.91 -12.54
C PRO A 266 4.70 -16.33 -11.63
N GLY A 267 3.48 -16.14 -12.14
CA GLY A 267 2.29 -16.55 -11.43
C GLY A 267 1.60 -15.48 -10.63
N ALA A 268 1.88 -14.19 -10.89
CA ALA A 268 1.25 -13.12 -10.13
C ALA A 268 -0.22 -12.95 -10.49
N ASP A 269 -0.66 -13.48 -11.62
CA ASP A 269 -2.04 -13.36 -12.05
C ASP A 269 -2.93 -14.47 -11.51
N GLU A 270 -2.39 -15.36 -10.67
CA GLU A 270 -3.20 -16.40 -10.06
C GLU A 270 -4.01 -15.82 -8.91
N PRO A 271 -5.33 -15.97 -8.90
CA PRO A 271 -6.13 -15.38 -7.83
C PRO A 271 -5.87 -16.05 -6.49
N LEU A 272 -6.15 -15.31 -5.43
CA LEU A 272 -6.09 -15.86 -4.08
C LEU A 272 -7.33 -16.70 -3.84
N GLN A 273 -7.15 -18.01 -3.62
CA GLN A 273 -8.27 -18.91 -3.48
C GLN A 273 -8.06 -20.01 -2.45
N TYR A 274 -6.87 -20.11 -1.83
CA TYR A 274 -6.61 -21.15 -0.86
C TYR A 274 -6.45 -20.56 0.54
N PRO A 275 -7.02 -21.19 1.56
CA PRO A 275 -6.84 -20.69 2.93
C PRO A 275 -5.53 -21.20 3.53
N CYS A 276 -5.23 -20.68 4.72
CA CYS A 276 -4.08 -21.16 5.47
C CYS A 276 -4.22 -20.70 6.91
N GLN A 277 -3.50 -21.38 7.79
CA GLN A 277 -3.46 -21.04 9.21
C GLN A 277 -2.06 -20.53 9.55
N HIS A 278 -1.77 -19.32 9.07
CA HIS A 278 -0.47 -18.70 9.27
C HIS A 278 -0.07 -18.74 10.75
N SER A 279 0.93 -19.57 11.07
CA SER A 279 1.31 -19.76 12.47
C SER A 279 1.91 -18.49 13.06
N LEU A 280 2.89 -17.90 12.37
CA LEU A 280 3.59 -16.72 12.86
C LEU A 280 4.31 -17.04 14.16
N PRO A 281 5.52 -17.62 14.09
CA PRO A 281 6.23 -17.97 15.31
C PRO A 281 6.98 -16.77 15.89
N PRO A 282 7.12 -16.68 17.31
CA PRO A 282 7.90 -15.59 17.93
C PRO A 282 9.40 -15.92 17.99
N GLY A 283 10.09 -15.70 16.87
CA GLY A 283 11.49 -16.01 16.78
C GLY A 283 12.31 -14.87 16.20
N GLU A 284 12.16 -13.68 16.78
CA GLU A 284 12.89 -12.49 16.31
C GLU A 284 14.26 -12.43 17.00
N ASP A 285 15.12 -13.36 16.61
CA ASP A 285 16.48 -13.43 17.13
C ASP A 285 17.45 -12.87 16.09
N GLY A 286 17.31 -11.57 15.84
CA GLY A 286 18.08 -10.92 14.81
C GLY A 286 17.49 -11.12 13.44
N ARG A 287 17.55 -12.35 12.94
CA ARG A 287 16.98 -12.70 11.65
C ARG A 287 15.54 -13.15 11.82
N VAL A 288 14.81 -13.13 10.71
CA VAL A 288 13.40 -13.53 10.69
C VAL A 288 13.13 -14.34 9.44
N GLU A 289 12.27 -15.34 9.55
CA GLU A 289 11.93 -16.18 8.42
C GLU A 289 10.93 -15.45 7.51
N PRO A 290 11.09 -15.57 6.19
CA PRO A 290 10.06 -15.03 5.29
C PRO A 290 8.84 -15.93 5.28
N TYR A 291 7.68 -15.32 5.00
CA TYR A 291 6.48 -16.11 4.78
C TYR A 291 6.48 -16.75 3.40
N VAL A 292 6.90 -16.01 2.38
CA VAL A 292 6.94 -16.53 1.02
C VAL A 292 8.19 -17.38 0.83
N ASP A 293 8.23 -18.11 -0.28
CA ASP A 293 9.31 -19.04 -0.58
C ASP A 293 10.07 -18.54 -1.80
N PHE A 294 11.38 -18.37 -1.66
CA PHE A 294 12.23 -17.89 -2.75
C PHE A 294 12.97 -19.00 -3.47
N ALA A 295 12.62 -20.26 -3.21
CA ALA A 295 13.29 -21.37 -3.88
C ALA A 295 13.17 -21.25 -5.39
N GLU A 296 11.97 -20.98 -5.89
CA GLU A 296 11.78 -20.90 -7.33
C GLU A 296 12.55 -19.71 -7.92
N PHE A 297 12.60 -18.59 -7.20
CA PHE A 297 13.38 -17.45 -7.67
C PHE A 297 14.83 -17.83 -7.90
N TYR A 298 15.45 -18.47 -6.90
CA TYR A 298 16.85 -18.86 -7.04
C TYR A 298 17.03 -19.84 -8.19
N ARG A 299 16.07 -20.73 -8.41
CA ARG A 299 16.17 -21.66 -9.52
C ARG A 299 16.10 -20.92 -10.86
N LEU A 300 15.09 -20.08 -11.04
CA LEU A 300 14.97 -19.33 -12.28
C LEU A 300 16.12 -18.37 -12.48
N TRP A 301 16.64 -17.80 -11.40
CA TRP A 301 17.78 -16.89 -11.51
C TRP A 301 19.02 -17.64 -11.98
N SER A 302 19.26 -18.84 -11.46
CA SER A 302 20.43 -19.61 -11.86
C SER A 302 20.33 -20.04 -13.32
N VAL A 303 19.12 -20.25 -13.83
CA VAL A 303 18.95 -20.64 -15.23
C VAL A 303 19.49 -19.53 -16.14
N ASP A 304 19.11 -18.28 -15.87
CA ASP A 304 19.56 -17.17 -16.68
C ASP A 304 21.07 -16.94 -16.53
N HIS A 305 21.56 -16.97 -15.28
CA HIS A 305 22.98 -16.72 -15.01
C HIS A 305 23.74 -18.05 -14.98
N GLY A 306 23.77 -18.71 -16.13
CA GLY A 306 24.44 -19.98 -16.27
C GLY A 306 24.10 -20.69 -17.56
C01 EDH B . -11.21 4.67 0.26
C02 EDH B . -11.82 3.74 -0.80
C03 EDH B . -11.91 4.16 -2.10
C04 EDH B . -12.47 3.32 -3.08
C05 EDH B . -12.94 2.05 -2.73
C06 EDH B . -12.85 1.64 -1.42
C07 EDH B . -13.35 0.23 -0.99
C08 EDH B . -13.47 -1.49 0.84
C09 EDH B . -14.23 -3.58 0.97
C10 EDH B . -13.84 -3.18 2.24
C11 EDH B . -13.96 -4.08 3.35
C12 EDH B . -14.48 -5.35 3.14
C13 EDH B . -14.89 -5.75 1.86
C14 EDH B . -14.77 -4.87 0.78
C15 EDH B . -12.84 -1.08 3.21
C16 EDH B . -11.35 -1.12 3.21
C17 EDH B . -10.76 -0.16 4.21
C18 EDH B . -12.30 2.47 -0.44
N01 EDH B . -10.93 4.19 1.57
N02 EDH B . -13.07 -0.20 0.36
N03 EDH B . -13.99 -2.50 0.11
N04 EDH B . -13.36 -1.89 2.13
O01 EDH B . -13.96 -0.48 -1.77
O02 EDH B . -10.98 5.83 -0.03
H03 EDH B . -11.60 5.00 -2.35
H04 EDH B . -12.53 3.61 -3.97
H05 EDH B . -13.30 1.49 -3.37
H06 EDH B . -13.69 -3.82 4.20
H07 EDH B . -14.56 -5.94 3.86
H08 EDH B . -15.24 -6.60 1.72
H09 EDH B . -15.04 -5.14 -0.08
H10 EDH B . -13.13 -0.16 3.10
H11 EDH B . -13.18 -1.42 4.06
H12 EDH B . -11.06 -2.02 3.43
H13 EDH B . -11.03 -0.88 2.33
H18 EDH B . -11.05 -0.39 5.10
H16 EDH B . -11.04 0.74 4.01
H17 EDH B . -9.78 -0.21 4.17
H14 EDH B . -12.23 2.18 0.44
H01 EDH B . -11.08 3.37 1.77
H02 EDH B . -10.58 4.71 2.16
H15 EDH B . -14.15 -2.47 -0.73
#